data_1D3H
#
_entry.id   1D3H
#
_cell.length_a   90.610
_cell.length_b   90.610
_cell.length_c   122.410
_cell.angle_alpha   90.00
_cell.angle_beta   90.00
_cell.angle_gamma   120.00
#
_symmetry.space_group_name_H-M   'P 32 2 1'
#
loop_
_entity.id
_entity.type
_entity.pdbx_description
1 polymer 'DIHYDROOROTATE DEHYDROGENASE'
2 non-polymer 'SULFATE ION'
3 non-polymer 'ACETATE ION'
4 non-polymer (2Z)-2-cyano-3-hydroxy-N-[4-(trifluoromethyl)phenyl]but-2-enamide
5 non-polymer 'FLAVIN MONONUCLEOTIDE'
6 non-polymer 'OROTIC ACID'
7 water water
#
_entity_poly.entity_id   1
_entity_poly.type   'polypeptide(L)'
_entity_poly.pdbx_seq_one_letter_code
;MATGDERFYAEHLMPTLQGLLDPESAHRLAVRFTSLGLLPRARFQDSDMLEVRVLGHKFRNPVGIAAGFDKHGEAVDGLY
KMGFGFVEIGSVTPKPQEGNPRPRVFRLPEDQAVINRYGFNSHGLSVVEHRLRARQQKQAKLTEDGLPLGVNLGKNKTSV
DAAEDYAEGVRVLGPLADYLVVNVSSPNTAGLRSLQGKAELRRLLTKVLQERDGLRRVHRPAVLVKIAPDLTSQDKEDIA
SVVKELGIDGLIVTNTTVSRPAGLQGALRSETGGLSGKPLRDLSTQTIREMYALTQGRVPIIGVGGVSSGQDALEKIRAG
ASLVQLYTALTFWGPPVVGKVKRELEALLKEQGFGGVTDAIGADHRR
;
_entity_poly.pdbx_strand_id   A
#
loop_
_chem_comp.id
_chem_comp.type
_chem_comp.name
_chem_comp.formula
A26 non-polymer (2Z)-2-cyano-3-hydroxy-N-[4-(trifluoromethyl)phenyl]but-2-enamide 'C12 H9 F3 N2 O2'
ACT non-polymer 'ACETATE ION' 'C2 H3 O2 -1'
FMN non-polymer 'FLAVIN MONONUCLEOTIDE' 'C17 H21 N4 O9 P'
ORO non-polymer 'OROTIC ACID' 'C5 H4 N2 O4'
SO4 non-polymer 'SULFATE ION' 'O4 S -2'
#
# COMPACT_ATOMS: atom_id res chain seq x y z
N MET A 1 -14.79 -8.33 -20.95
CA MET A 1 -15.29 -8.28 -19.55
C MET A 1 -14.87 -9.51 -18.75
N ALA A 2 -14.82 -10.66 -19.41
CA ALA A 2 -14.50 -11.91 -18.72
C ALA A 2 -13.10 -12.40 -19.07
N THR A 3 -12.59 -11.94 -20.21
CA THR A 3 -11.28 -12.37 -20.68
C THR A 3 -10.15 -11.61 -19.99
N GLY A 4 -10.44 -10.38 -19.57
CA GLY A 4 -9.45 -9.55 -18.90
C GLY A 4 -8.52 -8.92 -19.93
N ASP A 5 -9.11 -8.34 -20.96
CA ASP A 5 -8.35 -7.78 -22.07
C ASP A 5 -7.93 -6.33 -21.80
N GLU A 6 -6.61 -6.11 -21.88
CA GLU A 6 -6.03 -4.83 -21.46
C GLU A 6 -6.59 -3.68 -22.27
N ARG A 7 -6.69 -3.81 -23.59
CA ARG A 7 -7.23 -2.74 -24.41
C ARG A 7 -8.70 -2.43 -24.14
N PHE A 8 -9.53 -3.45 -23.95
CA PHE A 8 -10.95 -3.21 -23.73
C PHE A 8 -11.20 -2.40 -22.46
N TYR A 9 -10.52 -2.80 -21.38
CA TYR A 9 -10.64 -2.09 -20.10
C TYR A 9 -10.13 -0.68 -20.20
N ALA A 10 -8.95 -0.53 -20.79
CA ALA A 10 -8.25 0.75 -20.80
C ALA A 10 -8.95 1.76 -21.71
N GLU A 11 -9.36 1.29 -22.88
CA GLU A 11 -9.89 2.18 -23.91
C GLU A 11 -11.41 2.31 -23.83
N HIS A 12 -12.10 1.29 -23.33
CA HIS A 12 -13.55 1.28 -23.40
C HIS A 12 -14.24 1.25 -22.05
N LEU A 13 -14.00 0.20 -21.27
CA LEU A 13 -14.77 0.02 -20.05
C LEU A 13 -14.47 1.10 -19.02
N MET A 14 -13.19 1.32 -18.72
CA MET A 14 -12.83 2.23 -17.64
C MET A 14 -13.20 3.67 -17.92
N PRO A 15 -12.90 4.17 -19.11
CA PRO A 15 -13.33 5.50 -19.53
C PRO A 15 -14.83 5.68 -19.51
N THR A 16 -15.59 4.64 -19.84
CA THR A 16 -17.05 4.69 -19.79
C THR A 16 -17.55 4.71 -18.35
N LEU A 17 -16.99 3.86 -17.50
CA LEU A 17 -17.35 3.87 -16.08
C LEU A 17 -17.01 5.22 -15.45
N GLN A 18 -15.86 5.78 -15.77
CA GLN A 18 -15.45 7.09 -15.27
C GLN A 18 -16.35 8.20 -15.76
N GLY A 19 -16.97 8.05 -16.93
CA GLY A 19 -17.96 8.99 -17.42
C GLY A 19 -19.33 8.88 -16.76
N LEU A 20 -19.66 7.74 -16.14
CA LEU A 20 -20.98 7.55 -15.56
C LEU A 20 -21.03 7.80 -14.05
N LEU A 21 -19.94 7.51 -13.37
CA LEU A 21 -19.89 7.55 -11.92
C LEU A 21 -18.86 8.57 -11.44
N ASP A 22 -19.17 9.21 -10.32
CA ASP A 22 -18.12 10.00 -9.65
C ASP A 22 -17.12 9.01 -9.05
N PRO A 23 -15.94 9.52 -8.70
CA PRO A 23 -14.83 8.65 -8.34
C PRO A 23 -15.14 7.83 -7.09
N GLU A 24 -15.77 8.45 -6.10
CA GLU A 24 -16.11 7.62 -4.91
C GLU A 24 -17.12 6.53 -5.20
N SER A 25 -18.14 6.83 -6.02
CA SER A 25 -19.07 5.79 -6.44
C SER A 25 -18.38 4.67 -7.19
N ALA A 26 -17.42 5.02 -8.06
CA ALA A 26 -16.68 4.00 -8.78
C ALA A 26 -15.90 3.14 -7.77
N HIS A 27 -15.27 3.80 -6.82
CA HIS A 27 -14.52 3.06 -5.78
C HIS A 27 -15.44 2.08 -5.06
N ARG A 28 -16.58 2.58 -4.61
CA ARG A 28 -17.52 1.71 -3.90
C ARG A 28 -18.00 0.56 -4.76
N LEU A 29 -18.32 0.80 -6.02
CA LEU A 29 -18.80 -0.24 -6.92
C LEU A 29 -17.72 -1.27 -7.18
N ALA A 30 -16.48 -0.78 -7.32
CA ALA A 30 -15.35 -1.69 -7.50
C ALA A 30 -15.14 -2.59 -6.27
N VAL A 31 -15.29 -2.04 -5.08
CA VAL A 31 -15.13 -2.89 -3.88
C VAL A 31 -16.22 -3.96 -3.92
N ARG A 32 -17.43 -3.55 -4.29
CA ARG A 32 -18.55 -4.51 -4.30
C ARG A 32 -18.32 -5.61 -5.30
N PHE A 33 -18.03 -5.25 -6.55
CA PHE A 33 -17.75 -6.24 -7.58
C PHE A 33 -16.62 -7.18 -7.18
N THR A 34 -15.53 -6.58 -6.67
CA THR A 34 -14.37 -7.38 -6.31
C THR A 34 -14.72 -8.34 -5.17
N SER A 35 -15.46 -7.85 -4.19
CA SER A 35 -15.77 -8.64 -3.01
C SER A 35 -16.68 -9.82 -3.38
N LEU A 36 -17.50 -9.66 -4.41
CA LEU A 36 -18.29 -10.79 -4.89
C LEU A 36 -17.55 -11.70 -5.85
N GLY A 37 -16.31 -11.39 -6.24
CA GLY A 37 -15.65 -12.33 -7.16
C GLY A 37 -16.24 -12.23 -8.56
N LEU A 38 -16.65 -11.05 -9.02
CA LEU A 38 -17.00 -10.81 -10.42
C LEU A 38 -15.88 -10.11 -11.17
N LEU A 39 -14.82 -10.83 -11.51
CA LEU A 39 -13.64 -10.23 -12.11
C LEU A 39 -13.34 -10.91 -13.44
N PRO A 40 -12.59 -10.03 -14.24
CA PRO A 40 -12.13 -10.64 -15.50
C PRO A 40 -10.96 -11.58 -15.27
N PHE A 44 -2.80 -14.94 -15.73
CA PHE A 44 -1.33 -14.97 -15.47
C PHE A 44 -0.98 -15.98 -14.39
N GLN A 45 -0.21 -16.99 -14.78
CA GLN A 45 0.33 -17.97 -13.84
C GLN A 45 1.66 -17.48 -13.28
N ASP A 46 1.75 -17.25 -11.98
CA ASP A 46 2.97 -16.64 -11.45
C ASP A 46 4.13 -17.61 -11.66
N SER A 47 5.18 -17.14 -12.33
CA SER A 47 6.38 -17.98 -12.41
C SER A 47 7.13 -17.94 -11.10
N ASP A 48 7.99 -18.92 -10.86
CA ASP A 48 8.91 -18.94 -9.73
C ASP A 48 9.84 -17.74 -9.61
N MET A 49 10.16 -17.08 -10.73
CA MET A 49 11.02 -15.90 -10.71
C MET A 49 10.43 -14.75 -9.89
N LEU A 50 9.11 -14.74 -9.72
CA LEU A 50 8.43 -13.64 -9.03
C LEU A 50 8.30 -13.87 -7.54
N GLU A 51 8.62 -15.08 -7.08
CA GLU A 51 8.53 -15.33 -5.64
C GLU A 51 9.57 -14.58 -4.84
N VAL A 52 9.18 -14.00 -3.73
CA VAL A 52 10.02 -13.26 -2.80
C VAL A 52 9.80 -13.77 -1.39
N ARG A 53 10.88 -14.03 -0.66
CA ARG A 53 10.73 -14.28 0.78
C ARG A 53 11.20 -13.08 1.58
N VAL A 54 10.31 -12.44 2.32
CA VAL A 54 10.65 -11.32 3.18
C VAL A 54 9.60 -11.19 4.29
N LEU A 55 9.91 -10.44 5.34
CA LEU A 55 8.98 -10.18 6.42
C LEU A 55 8.49 -11.45 7.10
N GLY A 56 9.26 -12.54 7.03
CA GLY A 56 8.91 -13.81 7.63
C GLY A 56 7.97 -14.64 6.78
N HIS A 57 7.68 -14.21 5.54
CA HIS A 57 6.69 -14.85 4.70
C HIS A 57 7.20 -15.05 3.26
N LYS A 58 6.59 -16.02 2.59
CA LYS A 58 6.70 -16.21 1.16
C LYS A 58 5.63 -15.39 0.44
N PHE A 59 6.07 -14.67 -0.60
CA PHE A 59 5.10 -13.93 -1.41
C PHE A 59 5.15 -14.53 -2.80
N ARG A 60 4.04 -15.02 -3.32
CA ARG A 60 4.10 -15.72 -4.60
C ARG A 60 4.42 -14.77 -5.75
N ASN A 61 3.99 -13.52 -5.62
CA ASN A 61 4.55 -12.50 -6.55
C ASN A 61 4.66 -11.22 -5.74
N PRO A 62 5.38 -10.22 -6.24
CA PRO A 62 5.71 -9.05 -5.44
C PRO A 62 4.75 -7.89 -5.65
N VAL A 63 3.62 -8.12 -6.28
CA VAL A 63 2.71 -7.02 -6.64
C VAL A 63 1.48 -7.04 -5.72
N GLY A 64 1.40 -6.07 -4.81
CA GLY A 64 0.28 -6.07 -3.86
C GLY A 64 -0.67 -4.93 -4.17
N ILE A 65 -1.89 -5.02 -3.60
CA ILE A 65 -2.82 -3.90 -3.66
C ILE A 65 -2.54 -2.99 -2.47
N ALA A 66 -2.32 -1.71 -2.74
CA ALA A 66 -2.01 -0.74 -1.70
C ALA A 66 -3.21 -0.47 -0.81
N ALA A 67 -2.93 -0.02 0.41
CA ALA A 67 -3.95 0.43 1.34
C ALA A 67 -4.83 1.51 0.70
N GLY A 68 -6.09 1.53 1.14
CA GLY A 68 -7.00 2.59 0.68
C GLY A 68 -8.05 2.03 -0.26
N PHE A 69 -7.76 0.96 -0.98
CA PHE A 69 -8.78 0.42 -1.90
C PHE A 69 -9.80 -0.35 -1.05
N ASP A 70 -9.26 -1.26 -0.27
CA ASP A 70 -10.14 -2.07 0.61
C ASP A 70 -9.92 -1.61 2.05
N LYS A 71 -10.52 -0.47 2.40
CA LYS A 71 -10.26 0.11 3.71
C LYS A 71 -10.81 -0.77 4.82
N HIS A 72 -11.88 -1.53 4.55
CA HIS A 72 -12.56 -2.19 5.67
C HIS A 72 -12.46 -3.70 5.57
N GLY A 73 -11.58 -4.23 4.73
CA GLY A 73 -11.35 -5.67 4.65
C GLY A 73 -12.53 -6.44 4.04
N GLU A 74 -13.18 -5.86 3.04
CA GLU A 74 -14.35 -6.48 2.42
C GLU A 74 -14.07 -7.30 1.17
N ALA A 75 -12.90 -7.12 0.57
CA ALA A 75 -12.70 -7.63 -0.79
C ALA A 75 -11.41 -8.43 -0.88
N VAL A 76 -10.95 -8.93 0.28
CA VAL A 76 -9.62 -9.54 0.33
C VAL A 76 -9.55 -10.73 -0.62
N ASP A 77 -10.53 -11.65 -0.56
CA ASP A 77 -10.42 -12.83 -1.43
C ASP A 77 -10.50 -12.49 -2.90
N GLY A 78 -11.31 -11.50 -3.24
CA GLY A 78 -11.46 -11.08 -4.64
C GLY A 78 -10.17 -10.43 -5.14
N LEU A 79 -9.44 -9.75 -4.25
CA LEU A 79 -8.14 -9.19 -4.64
C LEU A 79 -7.09 -10.25 -4.88
N TYR A 80 -7.06 -11.33 -4.09
CA TYR A 80 -6.15 -12.43 -4.48
C TYR A 80 -6.56 -13.03 -5.81
N LYS A 81 -7.87 -13.17 -6.04
CA LYS A 81 -8.36 -13.70 -7.31
C LYS A 81 -7.93 -12.86 -8.50
N MET A 82 -7.82 -11.54 -8.34
CA MET A 82 -7.31 -10.65 -9.37
C MET A 82 -5.84 -10.81 -9.65
N GLY A 83 -5.07 -11.49 -8.80
CA GLY A 83 -3.68 -11.82 -9.10
C GLY A 83 -2.67 -11.11 -8.19
N PHE A 84 -3.15 -10.33 -7.23
CA PHE A 84 -2.22 -9.67 -6.30
C PHE A 84 -1.55 -10.75 -5.45
N GLY A 85 -0.24 -10.62 -5.28
CA GLY A 85 0.56 -11.51 -4.45
C GLY A 85 0.35 -11.26 -2.98
N PHE A 86 -0.16 -10.09 -2.58
CA PHE A 86 -0.44 -9.87 -1.15
C PHE A 86 -1.46 -8.74 -1.11
N VAL A 87 -2.24 -8.66 -0.04
CA VAL A 87 -3.30 -7.67 0.06
C VAL A 87 -3.07 -6.85 1.31
N GLU A 88 -3.18 -5.54 1.21
CA GLU A 88 -3.13 -4.74 2.44
C GLU A 88 -4.49 -4.07 2.58
N ILE A 89 -5.12 -4.26 3.73
CA ILE A 89 -6.39 -3.55 3.97
C ILE A 89 -6.17 -2.38 4.92
N GLY A 90 -7.16 -1.46 4.94
CA GLY A 90 -7.01 -0.28 5.79
C GLY A 90 -6.82 0.98 4.96
N SER A 91 -6.60 2.13 5.62
CA SER A 91 -6.34 2.16 7.04
C SER A 91 -7.61 1.97 7.87
N VAL A 92 -7.42 1.31 9.02
CA VAL A 92 -8.53 1.11 9.96
C VAL A 92 -8.27 1.94 11.21
N THR A 93 -9.30 2.64 11.68
CA THR A 93 -9.18 3.43 12.90
C THR A 93 -9.90 2.69 14.04
N PRO A 94 -9.58 3.08 15.25
CA PRO A 94 -10.10 2.30 16.40
C PRO A 94 -11.60 2.30 16.44
N LYS A 95 -12.19 3.50 16.46
CA LYS A 95 -13.64 3.64 16.38
C LYS A 95 -14.05 3.92 14.95
N PRO A 96 -15.26 3.55 14.59
CA PRO A 96 -15.83 3.95 13.31
C PRO A 96 -15.83 5.46 13.15
N GLN A 97 -15.57 5.93 11.93
CA GLN A 97 -15.67 7.37 11.67
C GLN A 97 -16.00 7.56 10.19
N GLU A 98 -16.65 8.69 9.91
CA GLU A 98 -17.16 8.87 8.55
C GLU A 98 -16.11 9.42 7.56
N GLY A 99 -15.10 10.08 8.07
CA GLY A 99 -14.15 10.72 7.14
C GLY A 99 -14.69 12.10 6.73
N ASN A 100 -14.04 12.70 5.72
CA ASN A 100 -14.44 14.05 5.29
C ASN A 100 -15.72 14.05 4.50
N PRO A 101 -16.36 15.23 4.36
CA PRO A 101 -17.53 15.39 3.51
C PRO A 101 -17.27 15.16 2.03
N ARG A 102 -18.27 14.79 1.25
CA ARG A 102 -18.14 14.49 -0.16
C ARG A 102 -18.50 15.70 -1.00
N PRO A 103 -17.79 15.98 -2.08
CA PRO A 103 -16.83 15.07 -2.66
C PRO A 103 -15.45 15.15 -2.04
N ARG A 104 -14.77 13.98 -2.07
CA ARG A 104 -13.48 13.87 -1.39
C ARG A 104 -12.55 12.99 -2.21
N VAL A 105 -12.90 12.71 -3.45
CA VAL A 105 -12.00 11.94 -4.33
C VAL A 105 -12.15 12.51 -5.73
N PHE A 106 -11.05 12.71 -6.45
CA PHE A 106 -11.06 13.53 -7.67
C PHE A 106 -10.13 12.84 -8.68
N ARG A 107 -10.59 12.69 -9.92
CA ARG A 107 -9.71 12.10 -10.92
C ARG A 107 -9.03 13.17 -11.75
N LEU A 108 -7.79 12.91 -12.16
CA LEU A 108 -7.03 13.82 -13.03
C LEU A 108 -6.60 12.96 -14.21
N PRO A 109 -7.50 12.73 -15.16
CA PRO A 109 -7.27 11.72 -16.19
C PRO A 109 -6.12 12.12 -17.10
N GLU A 110 -5.95 13.40 -17.36
CA GLU A 110 -4.85 13.88 -18.21
C GLU A 110 -3.50 13.61 -17.57
N ASP A 111 -3.47 13.36 -16.27
CA ASP A 111 -2.23 13.14 -15.55
C ASP A 111 -2.11 11.68 -15.09
N GLN A 112 -3.10 10.85 -15.38
CA GLN A 112 -3.16 9.49 -14.84
C GLN A 112 -2.94 9.53 -13.33
N ALA A 113 -3.70 10.43 -12.69
CA ALA A 113 -3.53 10.65 -11.25
C ALA A 113 -4.89 10.77 -10.58
N VAL A 114 -4.89 10.65 -9.26
CA VAL A 114 -6.07 10.87 -8.42
C VAL A 114 -5.67 11.78 -7.29
N ILE A 115 -6.59 12.62 -6.80
CA ILE A 115 -6.39 13.30 -5.52
C ILE A 115 -7.50 12.84 -4.58
N ASN A 116 -7.12 12.44 -3.37
CA ASN A 116 -8.17 12.05 -2.40
C ASN A 116 -7.92 12.75 -1.08
N ARG A 117 -9.07 13.03 -0.42
CA ARG A 117 -9.06 13.51 0.94
C ARG A 117 -10.15 12.78 1.72
N TYR A 118 -10.10 11.44 1.69
CA TYR A 118 -11.10 10.65 2.42
C TYR A 118 -11.15 10.96 3.91
N GLY A 119 -9.98 11.14 4.53
CA GLY A 119 -9.90 11.43 5.95
C GLY A 119 -10.18 10.19 6.79
N PHE A 120 -9.67 9.04 6.37
CA PHE A 120 -9.79 7.82 7.16
C PHE A 120 -11.24 7.47 7.50
N ASN A 121 -12.09 7.42 6.49
CA ASN A 121 -13.39 6.79 6.64
C ASN A 121 -13.12 5.33 7.01
N SER A 122 -13.67 4.88 8.13
CA SER A 122 -13.33 3.53 8.57
C SER A 122 -14.53 2.90 9.28
N HIS A 123 -14.79 1.65 8.99
CA HIS A 123 -15.74 0.88 9.80
C HIS A 123 -15.27 0.64 11.23
N GLY A 124 -14.00 0.83 11.53
CA GLY A 124 -13.50 0.74 12.90
C GLY A 124 -12.97 -0.68 13.15
N LEU A 125 -12.17 -0.81 14.20
CA LEU A 125 -11.50 -2.07 14.49
C LEU A 125 -12.46 -3.24 14.71
N SER A 126 -13.52 -3.00 15.47
CA SER A 126 -14.38 -4.15 15.84
C SER A 126 -15.00 -4.81 14.62
N VAL A 127 -15.54 -3.95 13.75
CA VAL A 127 -16.15 -4.46 12.52
C VAL A 127 -15.13 -5.20 11.68
N VAL A 128 -13.94 -4.61 11.48
CA VAL A 128 -12.94 -5.25 10.67
C VAL A 128 -12.44 -6.52 11.33
N GLU A 129 -12.29 -6.52 12.66
CA GLU A 129 -11.90 -7.72 13.40
C GLU A 129 -12.85 -8.87 13.12
N HIS A 130 -14.15 -8.61 13.24
CA HIS A 130 -15.09 -9.73 12.98
C HIS A 130 -15.08 -10.18 11.54
N ARG A 131 -14.95 -9.24 10.59
CA ARG A 131 -14.84 -9.58 9.19
C ARG A 131 -13.65 -10.47 8.92
N LEU A 132 -12.46 -10.14 9.46
CA LEU A 132 -11.30 -11.00 9.26
C LEU A 132 -11.40 -12.32 10.02
N ARG A 133 -12.02 -12.29 11.19
CA ARG A 133 -12.22 -13.55 11.93
C ARG A 133 -13.07 -14.55 11.15
N ALA A 134 -14.01 -14.06 10.36
CA ALA A 134 -14.91 -14.95 9.61
C ALA A 134 -14.16 -15.74 8.54
N ARG A 135 -12.98 -15.28 8.12
CA ARG A 135 -12.17 -15.97 7.14
C ARG A 135 -10.77 -16.23 7.64
N GLN A 136 -10.58 -16.29 8.97
CA GLN A 136 -9.22 -16.35 9.52
C GLN A 136 -8.45 -17.57 9.07
N GLN A 137 -9.09 -18.75 9.04
CA GLN A 137 -8.36 -19.96 8.66
C GLN A 137 -8.17 -20.05 7.15
N LYS A 138 -9.12 -19.49 6.41
CA LYS A 138 -8.91 -19.36 4.96
C LYS A 138 -7.66 -18.49 4.71
N GLN A 139 -7.54 -17.38 5.45
CA GLN A 139 -6.31 -16.58 5.31
C GLN A 139 -5.06 -17.30 5.75
N ALA A 140 -5.10 -18.12 6.82
CA ALA A 140 -3.92 -18.87 7.22
C ALA A 140 -3.44 -19.74 6.08
N LYS A 141 -4.35 -20.42 5.38
CA LYS A 141 -3.98 -21.24 4.25
C LYS A 141 -3.43 -20.42 3.08
N LEU A 142 -4.05 -19.27 2.82
CA LEU A 142 -3.54 -18.38 1.77
C LEU A 142 -2.13 -17.93 2.08
N THR A 143 -1.90 -17.48 3.31
CA THR A 143 -0.56 -17.03 3.72
C THR A 143 0.45 -18.16 3.56
N GLU A 144 0.04 -19.36 3.99
CA GLU A 144 0.95 -20.53 3.84
C GLU A 144 1.22 -20.81 2.37
N ASP A 145 0.29 -20.54 1.48
CA ASP A 145 0.43 -20.66 0.06
C ASP A 145 1.15 -19.50 -0.62
N GLY A 146 1.63 -18.52 0.15
CA GLY A 146 2.41 -17.45 -0.46
C GLY A 146 1.57 -16.21 -0.71
N LEU A 147 0.44 -16.07 -0.01
CA LEU A 147 -0.43 -14.90 -0.27
C LEU A 147 -0.78 -14.17 1.02
N PRO A 148 0.14 -13.38 1.54
CA PRO A 148 0.02 -12.81 2.87
C PRO A 148 -0.93 -11.62 2.90
N LEU A 149 -1.31 -11.29 4.12
CA LEU A 149 -2.26 -10.20 4.36
C LEU A 149 -1.62 -9.17 5.28
N GLY A 150 -1.76 -7.91 4.87
CA GLY A 150 -1.26 -6.80 5.69
C GLY A 150 -2.47 -6.01 6.19
N VAL A 151 -2.33 -5.42 7.35
CA VAL A 151 -3.38 -4.57 7.93
C VAL A 151 -2.76 -3.22 8.26
N ASN A 152 -3.37 -2.18 7.74
CA ASN A 152 -2.82 -0.83 7.89
C ASN A 152 -3.65 -0.07 8.92
N LEU A 153 -2.98 0.46 9.94
CA LEU A 153 -3.66 1.07 11.06
C LEU A 153 -3.62 2.59 11.03
N GLY A 154 -4.75 3.21 11.33
CA GLY A 154 -4.75 4.67 11.42
C GLY A 154 -5.26 5.09 12.81
N LYS A 155 -5.50 6.39 12.91
CA LYS A 155 -5.94 6.94 14.19
C LYS A 155 -7.22 7.76 13.97
N ASN A 156 -8.04 7.81 15.01
CA ASN A 156 -9.28 8.57 14.85
C ASN A 156 -8.97 10.06 14.84
N LYS A 157 -9.89 10.77 14.19
CA LYS A 157 -9.77 12.22 14.08
C LYS A 157 -9.68 12.92 15.43
N THR A 158 -10.54 12.53 16.37
CA THR A 158 -10.60 13.23 17.64
C THR A 158 -9.84 12.54 18.76
N SER A 159 -9.06 11.51 18.41
CA SER A 159 -8.30 10.84 19.47
C SER A 159 -7.34 11.81 20.16
N VAL A 160 -7.21 11.61 21.47
CA VAL A 160 -6.39 12.48 22.32
C VAL A 160 -5.03 11.85 22.58
N ASP A 161 -4.80 10.66 22.05
CA ASP A 161 -3.55 9.93 22.31
C ASP A 161 -3.27 9.03 21.11
N ALA A 162 -2.48 9.55 20.17
CA ALA A 162 -2.25 8.83 18.90
C ALA A 162 -1.67 7.45 19.10
N ALA A 163 -0.65 7.35 19.97
CA ALA A 163 0.01 6.07 20.20
C ALA A 163 -0.95 5.03 20.75
N GLU A 164 -1.89 5.46 21.61
CA GLU A 164 -2.86 4.51 22.13
C GLU A 164 -3.78 4.02 21.01
N ASP A 165 -4.16 4.90 20.08
CA ASP A 165 -4.91 4.44 18.91
C ASP A 165 -4.16 3.35 18.16
N TYR A 166 -2.87 3.55 17.86
CA TYR A 166 -2.14 2.51 17.15
C TYR A 166 -1.98 1.25 18.00
N ALA A 167 -1.74 1.41 19.31
CA ALA A 167 -1.62 0.22 20.16
C ALA A 167 -2.91 -0.60 20.17
N GLU A 168 -4.05 0.07 20.19
CA GLU A 168 -5.33 -0.66 20.12
C GLU A 168 -5.45 -1.45 18.83
N GLY A 169 -5.01 -0.82 17.73
CA GLY A 169 -4.98 -1.52 16.45
C GLY A 169 -4.09 -2.75 16.48
N VAL A 170 -2.90 -2.65 17.09
CA VAL A 170 -2.01 -3.79 17.20
C VAL A 170 -2.71 -4.91 18.00
N ARG A 171 -3.31 -4.53 19.13
CA ARG A 171 -3.95 -5.59 19.92
C ARG A 171 -5.13 -6.27 19.22
N VAL A 172 -5.92 -5.49 18.50
CA VAL A 172 -7.15 -6.05 17.92
C VAL A 172 -6.89 -6.73 16.59
N LEU A 173 -6.17 -6.11 15.66
CA LEU A 173 -5.96 -6.72 14.34
C LEU A 173 -4.60 -7.33 14.11
N GLY A 174 -3.68 -7.05 15.03
CA GLY A 174 -2.37 -7.69 14.99
C GLY A 174 -2.43 -9.20 14.89
N PRO A 175 -3.32 -9.84 15.67
CA PRO A 175 -3.44 -11.29 15.67
C PRO A 175 -3.97 -11.86 14.39
N LEU A 176 -4.53 -11.02 13.51
CA LEU A 176 -5.11 -11.49 12.27
C LEU A 176 -4.28 -11.08 11.06
N ALA A 177 -3.11 -10.50 11.28
CA ALA A 177 -2.39 -9.90 10.13
C ALA A 177 -1.03 -10.58 10.00
N ASP A 178 -0.52 -10.72 8.78
CA ASP A 178 0.88 -11.11 8.63
C ASP A 178 1.83 -9.96 8.86
N TYR A 179 1.37 -8.76 8.49
CA TYR A 179 2.12 -7.56 8.83
C TYR A 179 1.16 -6.45 9.17
N LEU A 180 1.62 -5.53 10.00
CA LEU A 180 0.87 -4.35 10.37
C LEU A 180 1.60 -3.11 9.82
N VAL A 181 0.82 -2.10 9.48
CA VAL A 181 1.46 -0.86 9.01
C VAL A 181 1.02 0.28 9.92
N VAL A 182 2.02 0.94 10.47
CA VAL A 182 1.76 2.17 11.23
C VAL A 182 1.78 3.28 10.19
N ASN A 183 0.56 3.67 9.86
CA ASN A 183 0.38 4.71 8.86
C ASN A 183 0.54 6.06 9.53
N VAL A 184 1.73 6.66 9.42
CA VAL A 184 1.84 8.00 9.97
C VAL A 184 2.02 9.03 8.86
N SER A 185 1.46 8.75 7.67
CA SER A 185 1.73 9.61 6.53
C SER A 185 0.50 10.00 5.73
N SER A 186 -0.71 9.69 6.24
CA SER A 186 -1.85 10.31 5.53
C SER A 186 -1.68 11.81 5.54
N PRO A 187 -1.97 12.46 4.41
CA PRO A 187 -2.01 13.91 4.36
C PRO A 187 -3.34 14.49 4.82
N ASN A 188 -4.31 13.63 5.17
CA ASN A 188 -5.69 14.04 5.33
C ASN A 188 -6.17 13.95 6.77
N THR A 189 -5.25 13.76 7.71
CA THR A 189 -5.61 13.84 9.12
C THR A 189 -4.68 14.84 9.81
N ALA A 190 -5.28 15.86 10.41
CA ALA A 190 -4.51 16.96 10.98
C ALA A 190 -3.56 16.45 12.07
N GLY A 191 -2.30 16.86 11.96
CA GLY A 191 -1.27 16.48 12.92
C GLY A 191 -0.61 15.14 12.62
N LEU A 192 -1.17 14.31 11.74
CA LEU A 192 -0.70 12.92 11.67
C LEU A 192 0.73 12.82 11.21
N ARG A 193 1.10 13.61 10.20
CA ARG A 193 2.42 13.48 9.58
C ARG A 193 3.51 13.96 10.51
N SER A 194 3.20 14.79 11.51
CA SER A 194 4.17 15.18 12.54
C SER A 194 4.59 14.05 13.45
N LEU A 195 3.87 12.91 13.45
CA LEU A 195 4.35 11.72 14.15
C LEU A 195 5.52 11.04 13.44
N GLN A 196 5.83 11.39 12.19
CA GLN A 196 7.06 10.93 11.56
C GLN A 196 8.32 11.59 12.13
N GLY A 197 8.20 12.66 12.90
CA GLY A 197 9.37 13.29 13.53
C GLY A 197 10.06 12.38 14.53
N LYS A 198 11.35 12.59 14.75
CA LYS A 198 12.16 11.61 15.48
C LYS A 198 11.62 11.22 16.85
N ALA A 199 11.44 12.18 17.75
CA ALA A 199 11.18 11.84 19.17
C ALA A 199 9.82 11.17 19.30
N GLU A 200 8.87 11.74 18.58
CA GLU A 200 7.50 11.28 18.49
C GLU A 200 7.38 9.90 17.84
N LEU A 201 8.14 9.71 16.76
CA LEU A 201 8.17 8.41 16.10
C LEU A 201 8.79 7.40 17.07
N ARG A 202 9.87 7.76 17.78
CA ARG A 202 10.51 6.74 18.60
C ARG A 202 9.57 6.29 19.73
N ARG A 203 8.93 7.28 20.34
CA ARG A 203 7.97 6.98 21.41
C ARG A 203 6.80 6.14 20.89
N LEU A 204 6.22 6.58 19.78
CA LEU A 204 5.11 5.84 19.16
C LEU A 204 5.51 4.42 18.80
N LEU A 205 6.63 4.24 18.10
CA LEU A 205 6.96 2.90 17.63
C LEU A 205 7.44 2.01 18.78
N THR A 206 8.05 2.59 19.82
CA THR A 206 8.39 1.77 20.99
C THR A 206 7.13 1.13 21.57
N LYS A 207 6.10 1.94 21.69
CA LYS A 207 4.82 1.46 22.23
C LYS A 207 4.17 0.44 21.31
N VAL A 208 4.13 0.71 20.01
CA VAL A 208 3.64 -0.28 19.05
C VAL A 208 4.37 -1.60 19.12
N LEU A 209 5.71 -1.59 19.14
CA LEU A 209 6.45 -2.82 19.15
C LEU A 209 6.30 -3.57 20.49
N GLN A 210 6.17 -2.83 21.57
CA GLN A 210 5.91 -3.53 22.85
C GLN A 210 4.59 -4.30 22.77
N GLU A 211 3.57 -3.65 22.23
CA GLU A 211 2.28 -4.30 22.07
C GLU A 211 2.34 -5.49 21.15
N ARG A 212 3.05 -5.38 20.02
CA ARG A 212 3.20 -6.48 19.09
C ARG A 212 3.91 -7.65 19.74
N ASP A 213 4.99 -7.32 20.49
CA ASP A 213 5.78 -8.35 21.12
C ASP A 213 5.00 -9.12 22.20
N GLY A 214 3.97 -8.47 22.73
CA GLY A 214 3.08 -9.08 23.71
C GLY A 214 2.06 -10.02 23.08
N LEU A 215 1.98 -10.16 21.77
CA LEU A 215 1.06 -11.16 21.20
C LEU A 215 1.70 -12.54 21.17
N ARG A 216 0.86 -13.57 21.27
CA ARG A 216 1.34 -14.94 21.11
C ARG A 216 2.03 -15.18 19.78
N ARG A 217 3.03 -16.06 19.81
CA ARG A 217 3.96 -16.14 18.68
C ARG A 217 3.31 -16.45 17.34
N VAL A 218 2.32 -17.34 17.24
CA VAL A 218 1.70 -17.52 15.92
C VAL A 218 0.83 -16.35 15.48
N HIS A 219 0.52 -15.40 16.35
CA HIS A 219 -0.29 -14.25 16.07
C HIS A 219 0.52 -12.97 16.13
N ARG A 220 1.83 -13.08 15.89
CA ARG A 220 2.69 -11.91 16.02
C ARG A 220 3.17 -11.42 14.67
N PRO A 221 2.63 -10.28 14.22
CA PRO A 221 2.92 -9.80 12.88
C PRO A 221 4.22 -9.00 12.81
N ALA A 222 4.73 -8.88 11.58
CA ALA A 222 5.80 -7.90 11.34
C ALA A 222 5.20 -6.51 11.43
N VAL A 223 6.01 -5.50 11.75
CA VAL A 223 5.48 -4.14 11.89
C VAL A 223 6.26 -3.24 10.91
N LEU A 224 5.55 -2.53 10.06
CA LEU A 224 6.22 -1.63 9.11
C LEU A 224 5.68 -0.22 9.34
N VAL A 225 6.45 0.79 8.93
CA VAL A 225 6.01 2.18 9.04
C VAL A 225 5.84 2.73 7.60
N LYS A 226 4.69 3.31 7.33
CA LYS A 226 4.47 3.88 5.99
C LYS A 226 4.69 5.40 6.04
N ILE A 227 5.57 5.87 5.14
CA ILE A 227 6.04 7.24 5.22
C ILE A 227 5.64 8.01 3.97
N ALA A 228 5.65 9.32 4.17
CA ALA A 228 5.26 10.21 3.06
C ALA A 228 6.39 10.36 2.05
N PRO A 229 6.03 10.88 0.87
CA PRO A 229 6.99 11.22 -0.15
C PRO A 229 7.49 12.66 0.03
N ASP A 230 6.94 13.36 1.01
CA ASP A 230 7.23 14.79 1.17
C ASP A 230 8.19 15.08 2.33
N LEU A 231 9.02 14.14 2.73
CA LEU A 231 9.83 14.32 3.92
C LEU A 231 11.08 15.14 3.60
N THR A 232 11.53 15.91 4.60
CA THR A 232 12.87 16.51 4.39
C THR A 232 13.96 15.47 4.47
N SER A 233 15.17 15.84 4.04
CA SER A 233 16.34 14.99 4.26
C SER A 233 16.50 14.66 5.75
N GLN A 234 16.27 15.65 6.60
CA GLN A 234 16.43 15.44 8.05
C GLN A 234 15.44 14.39 8.55
N ASP A 235 14.18 14.54 8.10
CA ASP A 235 13.13 13.60 8.43
C ASP A 235 13.51 12.17 8.04
N LYS A 236 14.02 12.00 6.82
CA LYS A 236 14.38 10.68 6.33
C LYS A 236 15.50 10.06 7.15
N GLU A 237 16.55 10.86 7.39
CA GLU A 237 17.66 10.41 8.24
C GLU A 237 17.16 10.00 9.63
N ASP A 238 16.27 10.77 10.22
CA ASP A 238 15.74 10.46 11.55
C ASP A 238 14.92 9.17 11.51
N ILE A 239 14.03 9.03 10.53
CA ILE A 239 13.29 7.77 10.39
C ILE A 239 14.20 6.57 10.24
N ALA A 240 15.23 6.69 9.41
CA ALA A 240 16.17 5.58 9.23
C ALA A 240 16.83 5.22 10.56
N SER A 241 17.23 6.22 11.32
CA SER A 241 17.88 5.99 12.59
C SER A 241 16.94 5.29 13.58
N VAL A 242 15.73 5.79 13.71
CA VAL A 242 14.76 5.16 14.63
C VAL A 242 14.42 3.74 14.22
N VAL A 243 14.23 3.51 12.92
CA VAL A 243 13.85 2.17 12.44
C VAL A 243 14.96 1.18 12.77
N LYS A 244 16.22 1.60 12.62
CA LYS A 244 17.34 0.71 12.91
C LYS A 244 17.52 0.51 14.40
N GLU A 245 17.32 1.53 15.19
CA GLU A 245 17.45 1.49 16.65
C GLU A 245 16.40 0.56 17.27
N LEU A 246 15.18 0.62 16.74
CA LEU A 246 14.08 -0.15 17.32
C LEU A 246 13.89 -1.52 16.70
N GLY A 247 14.49 -1.78 15.56
CA GLY A 247 14.32 -3.04 14.84
C GLY A 247 12.94 -3.14 14.19
N ILE A 248 12.40 -2.00 13.76
CA ILE A 248 11.21 -2.04 12.87
C ILE A 248 11.45 -2.99 11.73
N ASP A 249 10.45 -3.75 11.29
CA ASP A 249 10.62 -4.81 10.35
C ASP A 249 10.68 -4.32 8.89
N GLY A 250 10.07 -3.16 8.64
CA GLY A 250 10.13 -2.71 7.24
C GLY A 250 9.49 -1.33 7.10
N LEU A 251 9.60 -0.79 5.89
CA LEU A 251 9.02 0.49 5.56
C LEU A 251 8.13 0.36 4.32
N ILE A 252 7.06 1.16 4.29
CA ILE A 252 6.26 1.26 3.09
C ILE A 252 6.41 2.69 2.55
N VAL A 253 6.90 2.78 1.32
CA VAL A 253 7.42 4.05 0.75
C VAL A 253 6.82 4.09 -0.66
N THR A 254 5.80 4.91 -0.94
CA THR A 254 5.36 5.99 -0.08
C THR A 254 3.83 6.12 -0.11
N ASN A 255 3.33 6.95 0.80
CA ASN A 255 1.93 7.41 0.72
C ASN A 255 1.80 8.44 -0.39
N THR A 256 0.63 9.07 -0.47
CA THR A 256 0.39 10.12 -1.46
C THR A 256 1.14 11.40 -1.12
N THR A 257 1.27 12.28 -2.14
CA THR A 257 2.00 13.52 -1.93
C THR A 257 1.07 14.73 -1.80
N VAL A 258 1.43 15.63 -0.89
CA VAL A 258 0.75 16.92 -0.76
C VAL A 258 1.35 17.91 -1.75
N SER A 259 2.41 17.53 -2.47
CA SER A 259 3.00 18.42 -3.46
C SER A 259 2.13 18.38 -4.72
N ARG A 260 2.33 19.35 -5.60
CA ARG A 260 1.63 19.34 -6.88
C ARG A 260 2.70 19.60 -7.95
N PRO A 261 3.30 18.54 -8.42
CA PRO A 261 4.42 18.68 -9.36
C PRO A 261 4.04 19.61 -10.48
N ALA A 262 5.01 20.40 -10.91
CA ALA A 262 4.80 21.24 -12.11
C ALA A 262 4.37 20.33 -13.26
N GLY A 263 3.39 20.79 -14.02
CA GLY A 263 3.00 20.10 -15.25
C GLY A 263 1.67 19.39 -15.12
N LEU A 264 1.09 19.31 -13.92
CA LEU A 264 -0.23 18.67 -13.84
C LEU A 264 -1.23 19.42 -14.73
N GLN A 265 -2.06 18.67 -15.42
CA GLN A 265 -3.00 19.32 -16.36
C GLN A 265 -4.46 19.22 -15.92
N GLY A 266 -4.75 18.24 -15.05
CA GLY A 266 -6.17 18.01 -14.71
C GLY A 266 -6.77 19.31 -14.19
N ALA A 267 -8.07 19.49 -14.45
CA ALA A 267 -8.78 20.68 -13.96
C ALA A 267 -8.82 20.68 -12.44
N LEU A 268 -8.79 19.50 -11.81
CA LEU A 268 -8.92 19.39 -10.36
C LEU A 268 -7.60 19.31 -9.63
N ARG A 269 -6.51 19.73 -10.27
CA ARG A 269 -5.18 19.66 -9.67
C ARG A 269 -4.99 20.44 -8.38
N SER A 270 -5.80 21.49 -8.13
CA SER A 270 -5.65 22.28 -6.94
C SER A 270 -6.66 21.89 -5.85
N GLU A 271 -7.36 20.78 -5.99
CA GLU A 271 -8.13 20.24 -4.87
C GLU A 271 -7.18 19.86 -3.72
N THR A 272 -7.62 20.06 -2.49
CA THR A 272 -6.85 19.59 -1.34
C THR A 272 -6.85 18.07 -1.27
N GLY A 273 -5.68 17.50 -0.90
CA GLY A 273 -5.64 16.06 -0.62
C GLY A 273 -4.31 15.47 -1.06
N GLY A 274 -4.20 14.14 -1.00
CA GLY A 274 -2.96 13.49 -1.45
C GLY A 274 -3.12 13.08 -2.91
N LEU A 275 -2.04 13.35 -3.66
CA LEU A 275 -1.98 12.98 -5.06
C LEU A 275 -1.28 11.64 -5.24
N SER A 276 -1.88 10.78 -6.03
CA SER A 276 -1.38 9.45 -6.35
C SER A 276 -1.29 9.24 -7.87
N GLY A 277 -0.69 8.14 -8.28
CA GLY A 277 -0.63 7.84 -9.71
C GLY A 277 0.69 8.34 -10.31
N LYS A 278 0.66 8.54 -11.63
CA LYS A 278 1.92 8.76 -12.34
C LYS A 278 2.73 9.94 -11.88
N PRO A 279 2.19 11.07 -11.45
CA PRO A 279 3.00 12.20 -11.03
C PRO A 279 3.73 11.94 -9.73
N LEU A 280 3.32 10.94 -8.95
CA LEU A 280 4.00 10.53 -7.74
C LEU A 280 5.14 9.55 -8.02
N ARG A 281 5.13 8.88 -9.17
CA ARG A 281 5.95 7.70 -9.37
C ARG A 281 7.42 7.95 -9.03
N ASP A 282 8.06 8.95 -9.65
CA ASP A 282 9.51 9.05 -9.45
C ASP A 282 9.89 9.70 -8.13
N LEU A 283 9.03 10.53 -7.55
CA LEU A 283 9.24 10.98 -6.18
C LEU A 283 9.27 9.80 -5.21
N SER A 284 8.31 8.90 -5.39
CA SER A 284 8.32 7.67 -4.57
C SER A 284 9.55 6.80 -4.79
N THR A 285 9.89 6.56 -6.04
CA THR A 285 11.09 5.76 -6.37
C THR A 285 12.31 6.36 -5.71
N GLN A 286 12.46 7.68 -5.80
CA GLN A 286 13.61 8.34 -5.19
C GLN A 286 13.60 8.23 -3.67
N THR A 287 12.43 8.22 -3.06
CA THR A 287 12.34 8.04 -1.61
C THR A 287 12.73 6.62 -1.21
N ILE A 288 12.34 5.64 -2.03
CA ILE A 288 12.79 4.27 -1.79
C ILE A 288 14.30 4.18 -1.85
N ARG A 289 14.87 4.78 -2.89
CA ARG A 289 16.33 4.75 -3.06
C ARG A 289 17.03 5.33 -1.86
N GLU A 290 16.58 6.50 -1.38
CA GLU A 290 17.20 7.13 -0.22
C GLU A 290 17.02 6.29 1.04
N MET A 291 15.81 5.75 1.28
CA MET A 291 15.64 4.98 2.51
C MET A 291 16.42 3.67 2.50
N TYR A 292 16.55 3.03 1.34
CA TYR A 292 17.35 1.81 1.25
C TYR A 292 18.80 2.14 1.61
N ALA A 293 19.29 3.26 1.07
CA ALA A 293 20.70 3.61 1.34
C ALA A 293 20.90 3.94 2.81
N LEU A 294 20.01 4.68 3.41
CA LEU A 294 20.11 5.09 4.80
C LEU A 294 19.96 3.92 5.78
N THR A 295 19.29 2.86 5.35
CA THR A 295 19.15 1.66 6.18
C THR A 295 20.08 0.53 5.78
N GLN A 296 21.05 0.85 4.90
CA GLN A 296 22.06 -0.08 4.43
C GLN A 296 21.50 -1.31 3.76
N GLY A 297 20.30 -1.23 3.16
CA GLY A 297 19.70 -2.39 2.52
C GLY A 297 19.30 -3.47 3.53
N ARG A 298 19.24 -3.18 4.80
CA ARG A 298 18.93 -4.18 5.81
C ARG A 298 17.47 -4.17 6.23
N VAL A 299 16.68 -3.23 5.71
CA VAL A 299 15.29 -3.06 6.17
C VAL A 299 14.38 -3.17 4.95
N PRO A 300 13.54 -4.19 4.87
CA PRO A 300 12.72 -4.45 3.70
C PRO A 300 11.84 -3.23 3.42
N ILE A 301 11.69 -2.95 2.12
CA ILE A 301 10.87 -1.81 1.73
C ILE A 301 9.80 -2.32 0.77
N ILE A 302 8.56 -1.86 1.06
CA ILE A 302 7.48 -2.13 0.07
C ILE A 302 7.33 -0.80 -0.68
N GLY A 303 7.52 -0.85 -1.99
CA GLY A 303 7.59 0.42 -2.75
C GLY A 303 6.22 0.67 -3.36
N VAL A 304 5.75 1.92 -3.31
CA VAL A 304 4.37 2.16 -3.74
C VAL A 304 4.34 3.61 -4.28
N GLY A 305 3.61 3.84 -5.36
CA GLY A 305 3.43 5.21 -5.81
C GLY A 305 3.64 5.22 -7.34
N GLY A 306 2.53 5.25 -8.08
CA GLY A 306 2.66 5.44 -9.51
C GLY A 306 3.06 4.18 -10.28
N VAL A 307 2.90 2.98 -9.71
CA VAL A 307 3.27 1.79 -10.48
C VAL A 307 2.15 1.44 -11.44
N SER A 308 2.43 1.45 -12.75
CA SER A 308 1.38 0.98 -13.68
C SER A 308 1.96 0.05 -14.75
N SER A 309 3.22 -0.34 -14.63
CA SER A 309 3.84 -1.22 -15.59
C SER A 309 4.94 -2.06 -14.95
N GLY A 310 5.45 -3.04 -15.69
CA GLY A 310 6.55 -3.85 -15.15
C GLY A 310 7.79 -2.95 -15.01
N GLN A 311 8.01 -2.00 -15.93
CA GLN A 311 9.18 -1.14 -15.76
C GLN A 311 9.06 -0.35 -14.47
N ASP A 312 7.86 0.19 -14.18
CA ASP A 312 7.72 0.98 -12.95
C ASP A 312 8.03 0.11 -11.74
N ALA A 313 7.54 -1.13 -11.76
CA ALA A 313 7.81 -2.04 -10.63
C ALA A 313 9.29 -2.33 -10.48
N LEU A 314 9.95 -2.65 -11.60
CA LEU A 314 11.37 -2.96 -11.57
C LEU A 314 12.22 -1.79 -11.17
N GLU A 315 11.81 -0.56 -11.55
CA GLU A 315 12.60 0.58 -11.07
C GLU A 315 12.53 0.67 -9.55
N LYS A 316 11.34 0.42 -8.98
CA LYS A 316 11.30 0.47 -7.52
C LYS A 316 12.06 -0.69 -6.87
N ILE A 317 11.95 -1.88 -7.40
CA ILE A 317 12.76 -3.02 -6.92
C ILE A 317 14.24 -2.74 -7.01
N ARG A 318 14.70 -2.28 -8.18
CA ARG A 318 16.14 -1.97 -8.29
C ARG A 318 16.57 -0.85 -7.37
N ALA A 319 15.66 0.09 -7.04
CA ALA A 319 15.97 1.15 -6.10
C ALA A 319 16.02 0.66 -4.64
N GLY A 320 15.48 -0.52 -4.38
CA GLY A 320 15.55 -1.07 -3.03
C GLY A 320 14.26 -1.71 -2.56
N ALA A 321 13.18 -1.70 -3.33
CA ALA A 321 11.97 -2.36 -2.79
C ALA A 321 12.04 -3.87 -2.94
N SER A 322 11.60 -4.60 -1.90
CA SER A 322 11.48 -6.04 -2.04
C SER A 322 10.13 -6.45 -2.59
N LEU A 323 9.13 -5.58 -2.43
CA LEU A 323 7.78 -5.79 -2.89
C LEU A 323 7.25 -4.42 -3.38
N VAL A 324 6.24 -4.46 -4.25
CA VAL A 324 5.63 -3.17 -4.64
C VAL A 324 4.11 -3.29 -4.48
N GLN A 325 3.42 -2.16 -4.44
CA GLN A 325 1.97 -2.12 -4.42
C GLN A 325 1.50 -1.11 -5.46
N LEU A 326 0.23 -1.23 -5.80
CA LEU A 326 -0.36 -0.22 -6.69
C LEU A 326 -1.83 -0.06 -6.27
N TYR A 327 -2.35 1.10 -6.59
CA TYR A 327 -3.82 1.28 -6.47
C TYR A 327 -4.27 2.13 -7.65
N THR A 328 -3.74 3.33 -7.79
CA THR A 328 -4.34 4.28 -8.75
C THR A 328 -4.36 3.76 -10.17
N ALA A 329 -3.38 2.95 -10.57
CA ALA A 329 -3.38 2.38 -11.92
C ALA A 329 -4.62 1.54 -12.22
N LEU A 330 -5.15 0.87 -11.21
CA LEU A 330 -6.38 0.06 -11.37
C LEU A 330 -7.55 0.91 -11.78
N THR A 331 -7.59 2.18 -11.37
CA THR A 331 -8.68 3.08 -11.65
C THR A 331 -8.63 3.55 -13.11
N PHE A 332 -7.44 3.45 -13.72
CA PHE A 332 -7.35 3.85 -15.12
C PHE A 332 -7.44 2.61 -16.00
N TRP A 333 -6.72 1.53 -15.65
CA TRP A 333 -6.55 0.44 -16.60
C TRP A 333 -7.42 -0.76 -16.26
N GLY A 334 -7.99 -0.74 -15.07
CA GLY A 334 -8.79 -1.86 -14.58
C GLY A 334 -7.95 -3.06 -14.22
N PRO A 335 -8.63 -4.18 -13.97
CA PRO A 335 -8.05 -5.44 -13.56
C PRO A 335 -6.92 -6.03 -14.35
N PRO A 336 -6.88 -5.90 -15.68
CA PRO A 336 -5.80 -6.43 -16.48
C PRO A 336 -4.45 -5.85 -16.12
N VAL A 337 -4.38 -4.68 -15.46
CA VAL A 337 -3.07 -4.12 -15.14
C VAL A 337 -2.27 -4.98 -14.19
N VAL A 338 -2.90 -5.80 -13.34
CA VAL A 338 -2.13 -6.62 -12.41
C VAL A 338 -1.29 -7.64 -13.16
N GLY A 339 -1.95 -8.39 -14.07
CA GLY A 339 -1.23 -9.40 -14.85
C GLY A 339 -0.23 -8.73 -15.78
N LYS A 340 -0.61 -7.56 -16.32
CA LYS A 340 0.32 -6.81 -17.17
C LYS A 340 1.61 -6.46 -16.45
N VAL A 341 1.52 -5.92 -15.23
CA VAL A 341 2.73 -5.59 -14.46
C VAL A 341 3.58 -6.82 -14.21
N LYS A 342 2.91 -7.92 -13.83
CA LYS A 342 3.66 -9.13 -13.54
C LYS A 342 4.37 -9.69 -14.76
N ARG A 343 3.66 -9.75 -15.89
CA ARG A 343 4.26 -10.31 -17.10
C ARG A 343 5.39 -9.42 -17.61
N GLU A 344 5.16 -8.10 -17.60
CA GLU A 344 6.26 -7.19 -17.99
C GLU A 344 7.44 -7.25 -17.04
N LEU A 345 7.19 -7.34 -15.73
CA LEU A 345 8.28 -7.49 -14.77
C LEU A 345 9.09 -8.76 -14.99
N GLU A 346 8.42 -9.88 -15.24
CA GLU A 346 9.15 -11.10 -15.54
C GLU A 346 10.00 -10.92 -16.80
N ALA A 347 9.43 -10.34 -17.86
CA ALA A 347 10.18 -10.15 -19.10
C ALA A 347 11.41 -9.27 -18.88
N LEU A 348 11.25 -8.15 -18.15
CA LEU A 348 12.40 -7.30 -17.88
C LEU A 348 13.47 -7.92 -17.02
N LEU A 349 13.07 -8.71 -16.01
CA LEU A 349 14.06 -9.39 -15.19
C LEU A 349 14.92 -10.30 -16.09
N LYS A 350 14.26 -11.02 -16.98
CA LYS A 350 15.01 -11.91 -17.89
C LYS A 350 15.95 -11.12 -18.78
N GLU A 351 15.44 -10.02 -19.32
CA GLU A 351 16.21 -9.17 -20.22
C GLU A 351 17.41 -8.55 -19.55
N GLN A 352 17.34 -8.26 -18.26
CA GLN A 352 18.43 -7.60 -17.54
C GLN A 352 19.32 -8.59 -16.78
N GLY A 353 19.09 -9.88 -16.99
CA GLY A 353 19.96 -10.93 -16.49
C GLY A 353 19.73 -11.26 -15.02
N PHE A 354 18.55 -10.95 -14.48
CA PHE A 354 18.24 -11.34 -13.10
C PHE A 354 17.63 -12.72 -13.05
N GLY A 355 18.05 -13.55 -12.08
CA GLY A 355 17.45 -14.89 -11.96
C GLY A 355 16.02 -14.81 -11.42
N GLY A 356 15.73 -13.78 -10.65
CA GLY A 356 14.33 -13.56 -10.22
C GLY A 356 14.27 -12.18 -9.57
N VAL A 357 13.10 -11.87 -9.00
CA VAL A 357 12.96 -10.61 -8.28
C VAL A 357 14.00 -10.44 -7.22
N THR A 358 14.30 -11.45 -6.40
CA THR A 358 15.20 -11.29 -5.28
C THR A 358 16.57 -10.74 -5.68
N ASP A 359 17.06 -11.20 -6.82
CA ASP A 359 18.34 -10.77 -7.36
C ASP A 359 18.35 -9.31 -7.75
N ALA A 360 17.20 -8.76 -8.11
CA ALA A 360 17.14 -7.35 -8.55
C ALA A 360 16.94 -6.39 -7.39
N ILE A 361 16.55 -6.87 -6.19
CA ILE A 361 16.32 -5.95 -5.09
C ILE A 361 17.56 -5.14 -4.75
N GLY A 362 17.44 -3.83 -4.91
CA GLY A 362 18.55 -2.93 -4.57
C GLY A 362 19.68 -2.96 -5.59
N ALA A 363 19.47 -3.52 -6.77
CA ALA A 363 20.57 -3.68 -7.73
C ALA A 363 21.14 -2.36 -8.18
N ASP A 364 20.37 -1.25 -8.18
CA ASP A 364 20.99 0.01 -8.60
C ASP A 364 22.09 0.47 -7.65
N HIS A 365 22.07 0.01 -6.41
CA HIS A 365 23.03 0.49 -5.42
C HIS A 365 24.37 -0.24 -5.52
N ARG A 366 24.41 -1.30 -6.29
CA ARG A 366 25.60 -2.14 -6.43
C ARG A 366 26.36 -1.83 -7.71
N ARG A 367 25.82 -0.94 -8.54
CA ARG A 367 26.46 -0.66 -9.83
C ARG A 367 27.30 0.62 -9.83
S SO4 B . -2.63 -19.81 19.45
O1 SO4 B . -1.60 -20.68 18.80
O2 SO4 B . -1.95 -18.55 19.93
O3 SO4 B . -3.71 -19.44 18.48
O4 SO4 B . -3.23 -20.55 20.60
C ACT C . 14.53 7.86 -10.56
O ACT C . 15.61 8.36 -11.02
OXT ACT C . 14.52 7.04 -9.61
CH3 ACT C . 13.45 8.96 -10.52
C1 A26 D . -10.77 0.27 -8.31
C2 A26 D . -10.56 -1.00 -8.82
C3 A26 D . -11.07 -1.33 -10.09
C4 A26 D . -11.75 -0.37 -10.81
C5 A26 D . -11.94 0.90 -10.34
C6 A26 D . -11.44 1.23 -9.05
C11 A26 D . -10.91 -2.69 -10.68
F12 A26 D . -11.90 -3.06 -11.22
F13 A26 D . -10.65 -3.46 -9.68
F14 A26 D . -9.94 -2.71 -11.14
N15 A26 D . -11.59 2.44 -8.47
C16 A26 D . -11.84 3.61 -9.06
C17 A26 D . -11.61 4.89 -8.31
C18 A26 D . -11.81 6.08 -9.09
C19 A26 D . -11.17 4.84 -7.02
O20 A26 D . -10.99 3.64 -6.40
C21 A26 D . -10.94 5.98 -6.07
O25 A26 D . -12.14 3.73 -10.27
N26 A26 D . -11.89 7.18 -9.44
N1 FMN E . -2.74 4.77 2.14
C2 FMN E . -2.83 4.33 3.42
O2 FMN E . -1.88 3.99 4.07
N3 FMN E . -4.12 4.28 4.02
C4 FMN E . -5.26 4.65 3.43
O4 FMN E . -6.33 4.56 4.04
C4A FMN E . -5.15 5.14 2.06
N5 FMN E . -6.23 5.51 1.40
C5A FMN E . -6.08 5.86 0.08
C6 FMN E . -7.23 6.19 -0.70
C7 FMN E . -7.13 6.48 -2.03
C7M FMN E . -8.39 6.80 -2.85
C8 FMN E . -5.88 6.48 -2.67
C8M FMN E . -5.74 6.81 -4.15
C9 FMN E . -4.75 6.21 -1.92
C9A FMN E . -4.83 5.88 -0.57
N10 FMN E . -3.70 5.55 0.19
C10 FMN E . -3.81 5.17 1.48
C1' FMN E . -2.37 5.57 -0.44
C2' FMN E . -2.06 4.36 -1.29
O2' FMN E . -1.91 3.22 -0.39
C3' FMN E . -0.68 4.52 -1.98
O3' FMN E . 0.36 4.75 -0.97
C4' FMN E . -0.64 5.73 -2.90
O4' FMN E . -1.92 5.95 -3.51
C5' FMN E . 0.42 5.57 -3.99
O5' FMN E . 0.14 4.44 -4.82
P FMN E . -0.62 4.54 -6.23
O1P FMN E . -2.08 4.82 -5.95
O2P FMN E . -0.37 3.21 -6.88
O3P FMN E . 0.04 5.69 -7.02
N1 ORO F . -5.62 9.11 1.90
C2 ORO F . -4.33 8.93 1.47
O2 ORO F . -3.93 9.31 0.37
N3 ORO F . -3.46 8.29 2.35
C4 ORO F . -3.79 7.82 3.61
O4 ORO F . -2.97 7.28 4.32
C5 ORO F . -5.17 8.06 4.01
C6 ORO F . -6.00 8.66 3.16
C7 ORO F . -7.44 8.98 3.55
O71 ORO F . -8.15 8.20 4.17
O72 ORO F . -7.67 10.17 3.22
#